data_6EXE
#
_entry.id   6EXE
#
_cell.length_a   118.278
_cell.length_b   118.278
_cell.length_c   66.571
_cell.angle_alpha   90.00
_cell.angle_beta   90.00
_cell.angle_gamma   120.00
#
_symmetry.space_group_name_H-M   'P 65'
#
loop_
_entity.id
_entity.type
_entity.pdbx_description
1 polymer 'IcmP (DotM)'
2 non-polymer GLYCEROL
3 non-polymer '2-(N-MORPHOLINO)-ETHANESULFONIC ACID'
4 water water
#
_entity_poly.entity_id   1
_entity_poly.type   'polypeptide(L)'
_entity_poly.pdbx_seq_one_letter_code
;GPSGGGADVNKGPWAMALTPMEFARKYNLLRKDDALLDNPVPGEEMTAGIRRGDAKRVFTMQLGPYWDGFEECSPQAYAL
SAVFMARMNRDRDAANNILKVLDKTFVDGKPDFSVARPVMKKYQNSELVQEVVAKHAYVLTVIASLLEAAREDGVVPSSE
FLWLKPVDRRLWYMLNCVGRQTPYSEVAGPFAHWKAEKEMGRRSLVPMIDEAIRALEIAVKEVRLTPRQMEELEP
;
_entity_poly.pdbx_strand_id   A,B
#
loop_
_chem_comp.id
_chem_comp.type
_chem_comp.name
_chem_comp.formula
GOL non-polymer GLYCEROL 'C3 H8 O3'
MES non-polymer '2-(N-MORPHOLINO)-ETHANESULFONIC ACID' 'C6 H13 N O4 S'
#
# COMPACT_ATOMS: atom_id res chain seq x y z
N PRO A 13 8.82 0.18 8.64
CA PRO A 13 7.44 0.65 8.46
C PRO A 13 7.09 0.81 6.98
N TRP A 14 7.55 1.89 6.33
CA TRP A 14 7.48 2.02 4.88
C TRP A 14 8.86 2.05 4.27
N ALA A 15 9.00 1.50 3.06
CA ALA A 15 10.32 1.40 2.44
C ALA A 15 10.62 2.70 1.68
N MET A 16 11.61 3.43 2.16
CA MET A 16 11.92 4.75 1.66
C MET A 16 12.78 4.65 0.41
N ALA A 17 12.65 5.63 -0.48
CA ALA A 17 13.52 5.75 -1.64
C ALA A 17 14.92 5.97 -1.08
N LEU A 18 15.93 5.36 -1.68
CA LEU A 18 17.29 5.58 -1.29
C LEU A 18 17.70 6.99 -1.61
N THR A 19 18.47 7.59 -0.69
CA THR A 19 19.26 8.80 -1.00
C THR A 19 20.35 8.52 -2.05
N PRO A 20 20.91 9.57 -2.65
CA PRO A 20 22.06 9.28 -3.51
C PRO A 20 23.19 8.52 -2.87
N MET A 21 23.64 8.92 -1.71
CA MET A 21 24.73 8.22 -1.01
C MET A 21 24.37 6.77 -0.68
N GLU A 22 23.12 6.48 -0.37
CA GLU A 22 22.75 5.06 -0.04
C GLU A 22 22.68 4.24 -1.32
N PHE A 23 22.11 4.85 -2.38
CA PHE A 23 22.13 4.22 -3.71
C PHE A 23 23.57 3.86 -4.06
N ALA A 24 24.46 4.84 -3.94
CA ALA A 24 25.86 4.62 -4.26
C ALA A 24 26.52 3.50 -3.45
N ARG A 25 26.24 3.40 -2.14
CA ARG A 25 26.83 2.33 -1.31
C ARG A 25 26.26 0.99 -1.74
N LYS A 26 24.94 0.93 -1.85
CA LYS A 26 24.23 -0.31 -2.23
C LYS A 26 24.74 -0.95 -3.51
N TYR A 27 25.12 -0.15 -4.51
CA TYR A 27 25.71 -0.65 -5.77
C TYR A 27 27.24 -0.58 -5.84
N ASN A 28 27.90 -0.29 -4.71
CA ASN A 28 29.35 -0.32 -4.63
C ASN A 28 29.98 0.62 -5.65
N LEU A 29 29.45 1.83 -5.69
CA LEU A 29 29.84 2.81 -6.70
C LEU A 29 30.77 3.90 -6.17
N LEU A 30 31.06 3.91 -4.88
CA LEU A 30 31.94 4.91 -4.31
C LEU A 30 33.38 4.51 -4.60
N ARG A 31 34.23 5.50 -4.85
CA ARG A 31 35.66 5.21 -4.98
C ARG A 31 36.52 6.29 -4.39
N LYS A 32 37.65 5.89 -3.80
CA LYS A 32 38.71 6.82 -3.37
C LYS A 32 39.02 7.73 -4.53
N ASP A 33 38.95 9.01 -4.25
CA ASP A 33 39.24 10.04 -5.21
C ASP A 33 40.58 10.63 -4.75
N ASP A 34 41.50 10.77 -5.69
CA ASP A 34 42.96 10.79 -5.41
C ASP A 34 43.52 12.04 -4.65
N ALA A 35 44.71 11.89 -4.05
CA ALA A 35 45.49 12.99 -3.39
C ALA A 35 46.19 13.97 -4.36
N LEU A 36 45.74 13.93 -5.62
CA LEU A 36 46.14 14.81 -6.70
C LEU A 36 44.85 15.50 -7.24
N LEU A 37 44.05 16.07 -6.33
CA LEU A 37 42.83 16.80 -6.68
C LEU A 37 42.43 17.70 -5.53
N VAL A 41 40.88 19.06 -3.54
CA VAL A 41 39.96 20.20 -3.67
C VAL A 41 39.53 20.72 -2.26
N PRO A 42 39.77 22.01 -1.96
CA PRO A 42 39.30 22.51 -0.65
C PRO A 42 37.75 22.59 -0.53
N GLY A 43 37.25 22.21 0.64
CA GLY A 43 35.81 22.01 0.82
C GLY A 43 35.31 20.63 0.40
N GLU A 44 36.16 19.85 -0.25
CA GLU A 44 35.86 18.49 -0.65
C GLU A 44 36.61 17.46 0.22
N GLU A 45 37.11 17.86 1.40
CA GLU A 45 37.69 16.92 2.36
C GLU A 45 36.62 15.91 2.72
N MET A 46 37.02 14.64 2.80
CA MET A 46 36.23 13.55 3.32
C MET A 46 35.10 13.18 2.34
N THR A 47 35.30 13.39 1.05
CA THR A 47 34.29 12.99 0.05
C THR A 47 34.83 11.90 -0.85
N ALA A 48 33.89 11.19 -1.48
CA ALA A 48 34.18 10.10 -2.36
C ALA A 48 33.93 10.54 -3.77
N GLY A 49 34.52 9.79 -4.69
CA GLY A 49 34.22 9.93 -6.11
C GLY A 49 33.32 8.77 -6.47
N ILE A 50 32.98 8.69 -7.75
CA ILE A 50 32.04 7.72 -8.30
C ILE A 50 32.75 6.89 -9.36
N ARG A 51 32.41 5.61 -9.44
CA ARG A 51 32.92 4.74 -10.52
C ARG A 51 32.01 4.92 -11.74
N ARG A 52 32.42 5.78 -12.65
CA ARG A 52 31.54 6.18 -13.76
C ARG A 52 31.03 4.99 -14.59
N GLY A 53 31.91 4.06 -14.94
CA GLY A 53 31.54 2.83 -15.67
C GLY A 53 30.48 1.98 -14.95
N ASP A 54 30.73 1.69 -13.67
CA ASP A 54 29.81 0.85 -12.92
C ASP A 54 28.40 1.51 -12.77
N ALA A 55 28.38 2.84 -12.62
CA ALA A 55 27.12 3.61 -12.50
C ALA A 55 26.30 3.57 -13.81
N LYS A 56 27.03 3.69 -14.93
CA LYS A 56 26.52 3.50 -16.28
C LYS A 56 25.81 2.18 -16.44
N ARG A 57 26.46 1.11 -16.00
CA ARG A 57 25.81 -0.20 -16.00
C ARG A 57 24.63 -0.32 -15.07
N VAL A 58 24.71 0.27 -13.89
CA VAL A 58 23.53 0.27 -13.03
C VAL A 58 22.36 1.08 -13.60
N PHE A 59 22.64 2.22 -14.19
CA PHE A 59 21.57 3.05 -14.73
C PHE A 59 21.01 2.42 -16.00
N THR A 60 21.87 1.76 -16.77
CA THR A 60 21.44 1.05 -17.98
C THR A 60 20.46 -0.04 -17.59
N MET A 61 20.76 -0.78 -16.54
CA MET A 61 19.93 -1.88 -16.06
C MET A 61 18.60 -1.40 -15.52
N GLN A 62 18.57 -0.15 -14.98
CA GLN A 62 17.30 0.44 -14.53
C GLN A 62 16.30 0.78 -15.64
N LEU A 63 16.78 0.90 -16.88
CA LEU A 63 15.92 1.29 -18.05
C LEU A 63 14.80 0.35 -18.31
N GLY A 64 15.06 -0.91 -17.98
CA GLY A 64 14.05 -1.94 -18.17
C GLY A 64 13.96 -2.33 -19.65
N PRO A 65 12.88 -3.01 -20.00
CA PRO A 65 12.71 -3.55 -21.33
C PRO A 65 12.28 -2.54 -22.39
N TYR A 66 12.54 -2.89 -23.63
CA TYR A 66 12.12 -2.11 -24.76
C TYR A 66 10.65 -2.17 -24.85
N TRP A 67 10.00 -1.12 -25.32
CA TRP A 67 8.58 -1.27 -25.66
C TRP A 67 8.54 -2.17 -26.90
N ASP A 68 7.65 -3.16 -26.86
CA ASP A 68 7.46 -4.10 -27.93
C ASP A 68 6.03 -4.62 -27.98
N GLY A 69 5.07 -3.71 -28.05
CA GLY A 69 3.66 -4.03 -28.09
C GLY A 69 3.10 -3.93 -26.66
N PHE A 70 1.86 -3.46 -26.55
CA PHE A 70 1.24 -3.35 -25.22
C PHE A 70 0.93 -4.73 -24.61
N GLU A 71 0.58 -5.71 -25.42
CA GLU A 71 0.41 -7.10 -24.96
C GLU A 71 1.67 -7.63 -24.28
N GLU A 72 2.85 -7.10 -24.58
CA GLU A 72 4.11 -7.54 -23.91
C GLU A 72 4.43 -6.86 -22.57
N CYS A 73 3.66 -5.87 -22.13
CA CYS A 73 3.95 -5.19 -20.85
C CYS A 73 3.51 -6.05 -19.67
N SER A 74 4.11 -5.83 -18.49
CA SER A 74 3.58 -6.33 -17.21
C SER A 74 2.10 -5.99 -17.09
N PRO A 75 1.33 -6.80 -16.31
CA PRO A 75 -0.05 -6.49 -16.06
C PRO A 75 -0.27 -5.07 -15.49
N GLN A 76 0.59 -4.68 -14.53
CA GLN A 76 0.48 -3.31 -13.92
C GLN A 76 0.71 -2.16 -14.93
N ALA A 77 1.73 -2.33 -15.74
CA ALA A 77 2.07 -1.32 -16.73
C ALA A 77 0.98 -1.22 -17.80
N TYR A 78 0.53 -2.38 -18.25
CA TYR A 78 -0.59 -2.51 -19.18
C TYR A 78 -1.80 -1.77 -18.69
N ALA A 79 -2.25 -2.08 -17.45
CA ALA A 79 -3.44 -1.36 -16.90
C ALA A 79 -3.27 0.14 -16.66
N LEU A 80 -2.15 0.55 -16.10
CA LEU A 80 -1.95 2.04 -15.95
C LEU A 80 -1.81 2.74 -17.28
N SER A 81 -1.11 2.08 -18.22
CA SER A 81 -1.07 2.62 -19.63
C SER A 81 -2.53 2.79 -20.11
N ALA A 82 -3.36 1.78 -19.88
CA ALA A 82 -4.76 1.85 -20.28
C ALA A 82 -5.43 2.99 -19.62
N VAL A 83 -5.21 3.16 -18.31
CA VAL A 83 -5.74 4.42 -17.69
C VAL A 83 -5.32 5.68 -18.37
N PHE A 84 -4.02 5.80 -18.61
CA PHE A 84 -3.53 7.09 -19.10
C PHE A 84 -4.01 7.39 -20.51
N MET A 85 -4.15 6.34 -21.35
CA MET A 85 -4.64 6.50 -22.73
C MET A 85 -6.06 7.02 -22.69
N ALA A 86 -6.85 6.42 -21.82
CA ALA A 86 -8.26 6.80 -21.63
C ALA A 86 -8.37 8.29 -21.32
N ARG A 87 -7.46 8.79 -20.48
CA ARG A 87 -7.47 10.21 -20.16
C ARG A 87 -6.99 11.05 -21.30
N MET A 88 -5.99 10.58 -22.02
CA MET A 88 -5.54 11.31 -23.25
C MET A 88 -6.69 11.50 -24.25
N ASN A 89 -7.50 10.47 -24.39
CA ASN A 89 -8.69 10.49 -25.22
C ASN A 89 -9.95 11.00 -24.48
N ARG A 90 -9.81 11.54 -23.27
CA ARG A 90 -10.90 12.19 -22.54
C ARG A 90 -12.08 11.29 -22.14
N ASP A 91 -11.83 10.03 -21.89
CA ASP A 91 -12.83 9.12 -21.37
C ASP A 91 -12.41 8.82 -19.89
N ARG A 92 -12.69 9.84 -19.06
CA ARG A 92 -12.49 9.88 -17.57
C ARG A 92 -13.11 8.68 -16.89
N ASP A 93 -14.32 8.34 -17.32
CA ASP A 93 -15.11 7.22 -16.80
C ASP A 93 -14.43 5.87 -16.90
N ALA A 94 -13.96 5.53 -18.10
CA ALA A 94 -13.28 4.24 -18.28
C ALA A 94 -11.92 4.25 -17.56
N ALA A 95 -11.31 5.43 -17.44
CA ALA A 95 -10.08 5.58 -16.66
C ALA A 95 -10.41 5.41 -15.16
N ASN A 96 -11.35 6.20 -14.64
CA ASN A 96 -11.88 6.03 -13.25
C ASN A 96 -12.42 4.64 -12.96
N ASN A 97 -13.13 4.02 -13.90
CA ASN A 97 -13.58 2.65 -13.70
C ASN A 97 -12.39 1.76 -13.45
N ILE A 98 -11.35 1.84 -14.29
CA ILE A 98 -10.18 0.95 -14.11
C ILE A 98 -9.56 1.15 -12.73
N LEU A 99 -9.38 2.41 -12.37
CA LEU A 99 -8.69 2.80 -11.12
C LEU A 99 -9.55 2.39 -9.91
N LYS A 100 -10.85 2.77 -9.95
CA LYS A 100 -11.84 2.27 -8.98
C LYS A 100 -11.75 0.78 -8.85
N VAL A 101 -11.76 0.08 -9.98
CA VAL A 101 -11.72 -1.40 -9.98
C VAL A 101 -10.43 -1.95 -9.46
N LEU A 102 -9.27 -1.36 -9.76
CA LEU A 102 -8.00 -1.90 -9.21
C LEU A 102 -7.85 -1.57 -7.71
N ASP A 103 -8.37 -0.42 -7.30
CA ASP A 103 -8.40 -0.07 -5.84
C ASP A 103 -9.20 -1.09 -5.09
N LYS A 104 -10.49 -1.18 -5.47
CA LYS A 104 -11.43 -2.11 -4.81
C LYS A 104 -10.80 -3.49 -4.76
N THR A 105 -10.23 -3.89 -5.88
CA THR A 105 -9.82 -5.24 -6.10
C THR A 105 -8.53 -5.54 -5.39
N PHE A 106 -7.59 -4.60 -5.38
CA PHE A 106 -6.35 -4.74 -4.55
C PHE A 106 -6.62 -4.89 -3.05
N VAL A 107 -7.57 -4.09 -2.58
CA VAL A 107 -8.07 -4.17 -1.20
C VAL A 107 -8.57 -5.59 -0.84
N ASP A 108 -9.22 -6.27 -1.79
CA ASP A 108 -9.46 -7.73 -1.65
C ASP A 108 -8.16 -8.48 -2.02
N GLY A 109 -8.22 -9.73 -2.44
CA GLY A 109 -6.97 -10.48 -2.60
C GLY A 109 -5.96 -10.04 -3.68
N LYS A 110 -6.44 -9.86 -4.91
CA LYS A 110 -5.59 -9.48 -6.04
C LYS A 110 -6.34 -8.58 -7.00
N PRO A 111 -5.68 -7.49 -7.45
CA PRO A 111 -6.37 -6.59 -8.36
C PRO A 111 -6.60 -7.22 -9.75
N ASP A 112 -7.66 -6.76 -10.39
CA ASP A 112 -8.12 -7.30 -11.66
C ASP A 112 -7.59 -6.42 -12.80
N PHE A 113 -6.35 -6.69 -13.19
CA PHE A 113 -5.69 -5.91 -14.29
C PHE A 113 -6.47 -6.10 -15.61
N SER A 114 -6.99 -7.33 -15.81
CA SER A 114 -7.85 -7.65 -16.97
C SER A 114 -8.91 -6.61 -17.25
N VAL A 115 -9.44 -5.92 -16.26
CA VAL A 115 -10.40 -4.84 -16.53
C VAL A 115 -9.85 -3.78 -17.51
N ALA A 116 -8.53 -3.62 -17.54
CA ALA A 116 -7.90 -2.69 -18.50
C ALA A 116 -8.01 -3.15 -19.97
N ARG A 117 -7.93 -4.48 -20.16
CA ARG A 117 -8.01 -5.12 -21.50
C ARG A 117 -8.94 -4.45 -22.50
N PRO A 118 -10.24 -4.32 -22.16
CA PRO A 118 -11.13 -3.56 -23.05
C PRO A 118 -10.64 -2.18 -23.37
N VAL A 119 -10.15 -1.43 -22.39
CA VAL A 119 -9.66 -0.07 -22.62
C VAL A 119 -8.38 -0.03 -23.51
N MET A 120 -7.45 -0.98 -23.28
CA MET A 120 -6.27 -1.12 -24.11
C MET A 120 -6.62 -1.36 -25.58
N LYS A 121 -7.59 -2.24 -25.81
CA LYS A 121 -8.13 -2.46 -27.16
C LYS A 121 -8.78 -1.19 -27.84
N LYS A 122 -9.40 -0.29 -27.09
CA LYS A 122 -10.13 0.83 -27.71
C LYS A 122 -9.28 2.04 -28.09
N TYR A 123 -8.18 2.27 -27.36
CA TYR A 123 -7.39 3.53 -27.50
C TYR A 123 -5.90 3.34 -27.83
N GLN A 124 -5.42 2.09 -27.88
CA GLN A 124 -3.99 1.78 -28.16
C GLN A 124 -3.53 2.26 -29.50
N ASN A 125 -4.44 2.32 -30.47
CA ASN A 125 -4.15 2.77 -31.83
C ASN A 125 -4.66 4.17 -32.08
N SER A 126 -4.98 4.92 -31.04
CA SER A 126 -5.52 6.27 -31.23
C SER A 126 -4.40 7.27 -31.52
N GLU A 127 -4.72 8.41 -32.14
CA GLU A 127 -3.69 9.35 -32.57
C GLU A 127 -2.66 9.65 -31.50
N LEU A 128 -3.11 10.04 -30.34
CA LEU A 128 -2.21 10.57 -29.32
C LEU A 128 -1.32 9.49 -28.65
N VAL A 129 -1.84 8.28 -28.56
CA VAL A 129 -1.07 7.18 -28.07
C VAL A 129 0.04 6.77 -29.07
N GLN A 130 -0.33 6.70 -30.34
CA GLN A 130 0.62 6.40 -31.43
C GLN A 130 1.73 7.42 -31.47
N GLU A 131 1.42 8.69 -31.30
CA GLU A 131 2.47 9.71 -31.23
C GLU A 131 3.46 9.41 -30.06
N VAL A 132 2.96 9.02 -28.88
CA VAL A 132 3.84 8.67 -27.76
C VAL A 132 4.72 7.43 -28.01
N VAL A 133 4.10 6.36 -28.51
CA VAL A 133 4.80 5.10 -28.78
C VAL A 133 5.93 5.26 -29.82
N ALA A 134 5.73 6.19 -30.74
CA ALA A 134 6.65 6.44 -31.83
C ALA A 134 7.93 7.01 -31.32
N LYS A 135 7.81 7.81 -30.27
CA LYS A 135 8.85 8.69 -29.80
C LYS A 135 9.62 8.17 -28.56
N HIS A 136 9.29 6.96 -28.08
CA HIS A 136 9.91 6.41 -26.89
C HIS A 136 10.18 4.98 -27.07
N ALA A 137 11.39 4.56 -26.67
CA ALA A 137 11.84 3.20 -26.97
C ALA A 137 11.65 2.21 -25.84
N TYR A 138 11.52 2.71 -24.61
CA TYR A 138 11.40 1.83 -23.46
C TYR A 138 9.99 1.84 -22.94
N VAL A 139 9.57 0.72 -22.36
CA VAL A 139 8.34 0.71 -21.60
C VAL A 139 8.22 1.88 -20.58
N LEU A 140 9.28 2.12 -19.82
CA LEU A 140 9.24 3.12 -18.78
C LEU A 140 9.11 4.51 -19.37
N THR A 141 9.71 4.72 -20.55
CA THR A 141 9.69 6.05 -21.13
C THR A 141 8.43 6.27 -21.87
N VAL A 142 7.89 5.23 -22.46
CA VAL A 142 6.53 5.27 -22.99
C VAL A 142 5.46 5.67 -21.95
N ILE A 143 5.36 4.89 -20.90
CA ILE A 143 4.32 5.11 -19.90
C ILE A 143 4.52 6.44 -19.17
N ALA A 144 5.78 6.86 -18.94
CA ALA A 144 6.04 8.24 -18.43
C ALA A 144 5.41 9.32 -19.27
N SER A 145 5.54 9.18 -20.57
CA SER A 145 4.94 10.11 -21.46
C SER A 145 3.41 9.91 -21.55
N LEU A 146 2.90 8.67 -21.44
CA LEU A 146 1.47 8.46 -21.39
C LEU A 146 0.89 9.18 -20.17
N LEU A 147 1.58 9.09 -19.01
CA LEU A 147 1.13 9.80 -17.80
C LEU A 147 1.16 11.33 -17.96
N GLU A 148 2.27 11.87 -18.46
CA GLU A 148 2.38 13.31 -18.67
C GLU A 148 1.30 13.85 -19.60
N ALA A 149 0.94 13.06 -20.61
CA ALA A 149 -0.13 13.45 -21.51
C ALA A 149 -1.49 13.26 -20.86
N ALA A 150 -1.69 12.20 -20.05
CA ALA A 150 -2.93 11.99 -19.28
C ALA A 150 -3.30 13.17 -18.38
N ARG A 151 -2.31 13.94 -17.96
CA ARG A 151 -2.46 15.17 -17.17
C ARG A 151 -2.83 16.45 -17.98
N GLU A 152 -2.95 16.36 -19.31
CA GLU A 152 -3.59 17.43 -20.13
C GLU A 152 -5.13 17.42 -19.91
N ASP A 153 -5.67 16.23 -19.63
CA ASP A 153 -7.08 16.04 -19.27
C ASP A 153 -7.42 16.60 -17.87
N GLY A 154 -6.79 16.08 -16.84
CA GLY A 154 -6.93 16.65 -15.50
C GLY A 154 -5.91 16.09 -14.54
N VAL A 155 -6.09 16.36 -13.26
CA VAL A 155 -5.32 15.72 -12.22
C VAL A 155 -5.35 14.12 -12.29
N VAL A 156 -4.15 13.51 -12.39
CA VAL A 156 -3.92 12.04 -12.24
C VAL A 156 -2.69 11.81 -11.30
N PRO A 157 -2.89 11.94 -9.97
CA PRO A 157 -1.79 11.71 -9.06
C PRO A 157 -1.57 10.23 -8.80
N SER A 158 -0.37 9.92 -8.34
CA SER A 158 -0.03 8.57 -7.90
C SER A 158 -0.84 8.08 -6.67
N SER A 159 -1.47 9.03 -6.00
CA SER A 159 -2.59 8.84 -5.10
C SER A 159 -3.85 8.11 -5.61
N GLU A 160 -4.02 7.98 -6.91
CA GLU A 160 -5.10 7.14 -7.42
C GLU A 160 -4.59 5.72 -7.72
N PHE A 161 -3.31 5.45 -7.48
CA PHE A 161 -2.76 4.10 -7.63
C PHE A 161 -1.67 3.76 -6.60
N LEU A 162 -1.98 4.02 -5.32
CA LEU A 162 -1.09 3.74 -4.16
C LEU A 162 -0.61 2.32 -4.17
N TRP A 163 -1.53 1.42 -4.58
CA TRP A 163 -1.27 -0.02 -4.72
C TRP A 163 -0.05 -0.39 -5.56
N LEU A 164 0.32 0.45 -6.53
CA LEU A 164 1.47 0.14 -7.38
C LEU A 164 2.77 0.03 -6.58
N LYS A 165 2.88 0.80 -5.50
CA LYS A 165 4.13 0.86 -4.73
C LYS A 165 4.57 -0.55 -4.38
N PRO A 166 3.71 -1.36 -3.73
CA PRO A 166 4.16 -2.73 -3.47
C PRO A 166 4.16 -3.65 -4.69
N VAL A 167 3.22 -3.45 -5.63
CA VAL A 167 3.27 -4.34 -6.82
C VAL A 167 4.60 -4.12 -7.62
N ASP A 168 4.98 -2.87 -7.98
CA ASP A 168 6.15 -2.66 -8.86
C ASP A 168 6.87 -1.39 -8.43
N ARG A 169 7.99 -1.53 -7.76
CA ARG A 169 8.61 -0.39 -7.03
C ARG A 169 9.20 0.62 -8.05
N ARG A 170 10.03 0.09 -8.93
CA ARG A 170 10.56 0.81 -10.09
C ARG A 170 9.53 1.67 -10.88
N LEU A 171 8.46 1.03 -11.34
CA LEU A 171 7.37 1.72 -11.99
C LEU A 171 6.67 2.81 -11.12
N TRP A 172 6.47 2.48 -9.84
CA TRP A 172 5.97 3.44 -8.90
C TRP A 172 6.90 4.67 -8.85
N TYR A 173 8.18 4.42 -8.65
CA TYR A 173 9.14 5.50 -8.64
C TYR A 173 9.24 6.24 -9.98
N MET A 174 9.19 5.54 -11.12
CA MET A 174 9.14 6.27 -12.42
C MET A 174 7.94 7.17 -12.52
N LEU A 175 6.78 6.67 -12.18
CA LEU A 175 5.58 7.46 -12.38
C LEU A 175 5.42 8.60 -11.41
N ASN A 176 5.83 8.39 -10.16
CA ASN A 176 5.90 9.53 -9.18
C ASN A 176 6.91 10.63 -9.55
N CYS A 177 7.84 10.37 -10.49
CA CYS A 177 8.81 11.38 -11.00
C CYS A 177 8.38 12.23 -12.16
N VAL A 178 7.30 11.82 -12.84
CA VAL A 178 6.69 12.63 -13.87
C VAL A 178 6.16 13.88 -13.16
N GLY A 179 6.48 15.08 -13.66
CA GLY A 179 6.19 16.35 -12.98
C GLY A 179 7.34 16.91 -12.14
N ARG A 180 8.15 16.02 -11.56
CA ARG A 180 9.36 16.40 -10.75
C ARG A 180 10.56 16.73 -11.63
N GLN A 181 11.48 17.50 -11.08
CA GLN A 181 12.62 17.97 -11.86
C GLN A 181 13.86 17.09 -11.54
N THR A 182 13.91 16.50 -10.36
CA THR A 182 14.97 15.56 -10.00
C THR A 182 14.34 14.24 -9.63
N PRO A 183 14.78 13.17 -10.27
CA PRO A 183 14.23 11.87 -9.95
C PRO A 183 14.82 11.23 -8.68
N TYR A 184 14.17 10.21 -8.15
CA TYR A 184 14.81 9.28 -7.17
C TYR A 184 15.93 8.50 -7.86
N SER A 185 17.01 8.18 -7.14
CA SER A 185 18.15 7.58 -7.81
C SER A 185 17.81 6.23 -8.43
N GLU A 186 16.84 5.57 -7.83
CA GLU A 186 16.45 4.23 -8.30
C GLU A 186 15.74 4.22 -9.64
N VAL A 187 15.33 5.38 -10.15
CA VAL A 187 14.90 5.51 -11.51
C VAL A 187 15.65 6.61 -12.29
N ALA A 188 16.85 6.98 -11.86
CA ALA A 188 17.52 8.09 -12.54
C ALA A 188 17.85 7.75 -14.01
N GLY A 189 18.12 6.46 -14.27
CA GLY A 189 18.46 5.97 -15.62
C GLY A 189 17.31 6.27 -16.57
N PRO A 190 16.16 5.61 -16.35
CA PRO A 190 15.03 5.83 -17.24
C PRO A 190 14.48 7.23 -17.16
N PHE A 191 14.68 7.95 -16.03
CA PHE A 191 14.29 9.35 -16.04
C PHE A 191 15.15 10.16 -17.02
N ALA A 192 16.45 9.98 -16.98
CA ALA A 192 17.38 10.71 -17.87
C ALA A 192 17.17 10.31 -19.33
N HIS A 193 17.03 9.00 -19.57
CA HIS A 193 16.71 8.56 -20.90
C HIS A 193 15.43 9.19 -21.46
N TRP A 194 14.40 9.27 -20.65
CA TRP A 194 13.13 9.87 -21.05
C TRP A 194 13.34 11.33 -21.48
N LYS A 195 14.04 12.10 -20.65
CA LYS A 195 14.33 13.51 -20.95
C LYS A 195 15.11 13.59 -22.23
N ALA A 196 16.14 12.75 -22.35
CA ALA A 196 16.98 12.66 -23.57
C ALA A 196 16.17 12.40 -24.84
N GLU A 197 15.25 11.44 -24.80
CA GLU A 197 14.38 11.19 -25.93
C GLU A 197 13.48 12.39 -26.27
N LYS A 198 12.88 13.02 -25.25
CA LYS A 198 12.10 14.25 -25.49
C LYS A 198 12.96 15.38 -26.08
N GLU A 199 14.25 15.44 -25.70
CA GLU A 199 15.20 16.42 -26.20
C GLU A 199 15.68 16.12 -27.64
N MET A 200 15.92 14.85 -27.96
CA MET A 200 16.33 14.47 -29.36
C MET A 200 15.16 14.55 -30.30
N GLY A 201 13.95 14.39 -29.78
CA GLY A 201 12.78 14.39 -30.64
C GLY A 201 12.56 13.03 -31.30
N ARG A 202 13.24 12.00 -30.81
CA ARG A 202 12.96 10.65 -31.29
C ARG A 202 13.19 9.66 -30.19
N ARG A 203 12.68 8.45 -30.40
CA ARG A 203 13.08 7.34 -29.58
C ARG A 203 14.57 7.03 -29.75
N SER A 204 15.19 6.51 -28.69
CA SER A 204 16.56 6.07 -28.75
C SER A 204 16.73 4.73 -28.07
N LEU A 205 17.17 3.75 -28.82
CA LEU A 205 17.46 2.42 -28.25
C LEU A 205 18.77 2.40 -27.48
N VAL A 206 19.76 3.13 -27.96
CA VAL A 206 21.00 3.31 -27.19
C VAL A 206 20.67 4.07 -25.90
N PRO A 207 21.01 3.50 -24.72
CA PRO A 207 20.76 4.22 -23.44
C PRO A 207 21.40 5.61 -23.42
N MET A 208 20.62 6.64 -23.04
CA MET A 208 21.10 8.06 -22.91
C MET A 208 21.01 8.48 -21.42
N ILE A 209 21.89 7.87 -20.62
CA ILE A 209 21.82 7.94 -19.18
C ILE A 209 22.93 8.76 -18.52
N ASP A 210 23.74 9.49 -19.29
CA ASP A 210 24.83 10.33 -18.72
C ASP A 210 24.39 11.37 -17.70
N GLU A 211 23.27 12.08 -17.95
CA GLU A 211 22.72 13.03 -16.96
C GLU A 211 22.61 12.35 -15.57
N ALA A 212 22.19 11.07 -15.51
CA ALA A 212 22.05 10.35 -14.23
C ALA A 212 23.39 10.13 -13.56
N ILE A 213 24.42 9.83 -14.35
CA ILE A 213 25.80 9.73 -13.80
C ILE A 213 26.28 11.09 -13.23
N ARG A 214 26.07 12.16 -13.98
CA ARG A 214 26.55 13.47 -13.59
C ARG A 214 25.80 13.91 -12.33
N ALA A 215 24.49 13.68 -12.25
CA ALA A 215 23.75 14.00 -11.03
C ALA A 215 24.19 13.18 -9.79
N LEU A 216 24.55 11.91 -9.99
CA LEU A 216 24.97 11.09 -8.85
C LEU A 216 26.30 11.57 -8.27
N GLU A 217 27.27 11.87 -9.16
CA GLU A 217 28.55 12.53 -8.78
C GLU A 217 28.42 13.81 -8.00
N ILE A 218 27.63 14.76 -8.53
CA ILE A 218 27.30 16.00 -7.83
C ILE A 218 26.76 15.66 -6.42
N ALA A 219 25.80 14.76 -6.32
CA ALA A 219 25.14 14.52 -5.05
C ALA A 219 26.06 13.83 -4.05
N VAL A 220 26.88 12.89 -4.52
CA VAL A 220 27.80 12.21 -3.65
C VAL A 220 28.90 13.17 -3.13
N LYS A 221 29.34 14.09 -3.95
CA LYS A 221 30.29 15.11 -3.53
C LYS A 221 29.77 16.08 -2.48
N GLU A 222 28.45 16.19 -2.28
CA GLU A 222 27.88 17.05 -1.21
C GLU A 222 27.82 16.35 0.15
N VAL A 223 28.22 15.09 0.25
CA VAL A 223 28.03 14.33 1.46
C VAL A 223 29.44 14.03 2.03
N ARG A 224 29.74 14.49 3.26
CA ARG A 224 31.00 14.14 3.96
C ARG A 224 30.91 12.74 4.55
N LEU A 225 31.94 11.97 4.33
CA LEU A 225 32.07 10.68 4.92
C LEU A 225 32.78 10.78 6.27
N THR A 226 32.61 9.74 7.07
CA THR A 226 33.37 9.60 8.33
C THR A 226 34.76 9.04 7.99
N PRO A 227 35.73 9.16 8.93
CA PRO A 227 37.00 8.47 8.77
C PRO A 227 36.79 6.98 8.56
N ARG A 228 35.83 6.38 9.27
CA ARG A 228 35.45 4.97 9.07
C ARG A 228 35.19 4.68 7.57
N GLN A 229 34.30 5.48 6.98
CA GLN A 229 33.87 5.26 5.60
C GLN A 229 34.96 5.60 4.59
N MET A 230 35.80 6.61 4.85
CA MET A 230 36.92 6.94 3.95
C MET A 230 37.97 5.84 3.88
N GLU A 231 38.19 5.14 5.00
CA GLU A 231 39.14 4.06 5.03
C GLU A 231 38.76 2.93 4.08
N GLU A 232 37.47 2.67 3.95
CA GLU A 232 36.94 1.65 3.01
C GLU A 232 37.11 1.96 1.50
N LEU A 233 37.14 3.21 1.10
CA LEU A 233 37.27 3.54 -0.33
C LEU A 233 38.54 2.97 -1.05
N GLU A 234 38.42 2.68 -2.37
CA GLU A 234 39.53 2.29 -3.28
C GLU A 234 39.74 3.30 -4.38
N GLY B 12 5.80 -9.39 3.39
CA GLY B 12 5.03 -9.86 4.59
C GLY B 12 4.09 -8.80 5.20
N PRO B 13 4.49 -7.49 5.23
CA PRO B 13 3.49 -6.39 5.39
C PRO B 13 2.24 -6.48 4.47
N TRP B 14 2.42 -7.05 3.27
CA TRP B 14 1.31 -7.19 2.29
C TRP B 14 0.71 -8.55 1.92
N ALA B 15 0.81 -9.52 2.83
CA ALA B 15 0.26 -10.85 2.56
C ALA B 15 -1.26 -10.76 2.44
N MET B 16 -1.87 -11.82 1.91
CA MET B 16 -3.29 -11.96 2.00
C MET B 16 -3.69 -12.18 3.47
N ALA B 17 -4.92 -11.86 3.78
CA ALA B 17 -5.52 -12.27 5.06
C ALA B 17 -5.46 -13.80 5.14
N LEU B 18 -5.11 -14.34 6.30
CA LEU B 18 -5.21 -15.77 6.55
C LEU B 18 -6.67 -16.22 6.40
N THR B 19 -6.86 -17.31 5.71
CA THR B 19 -8.11 -18.04 5.71
C THR B 19 -8.40 -18.68 7.13
N PRO B 20 -9.63 -19.06 7.42
CA PRO B 20 -9.89 -19.65 8.74
C PRO B 20 -9.02 -20.85 9.10
N MET B 21 -8.84 -21.75 8.14
CA MET B 21 -8.02 -22.91 8.37
C MET B 21 -6.58 -22.52 8.63
N GLU B 22 -6.07 -21.52 7.92
CA GLU B 22 -4.65 -21.09 8.05
C GLU B 22 -4.49 -20.38 9.38
N PHE B 23 -5.46 -19.52 9.74
CA PHE B 23 -5.49 -18.91 11.07
C PHE B 23 -5.42 -20.03 12.14
N ALA B 24 -6.31 -21.01 12.05
CA ALA B 24 -6.35 -22.08 13.09
C ALA B 24 -5.03 -22.82 13.19
N ARG B 25 -4.39 -23.12 12.04
CA ARG B 25 -3.06 -23.77 12.08
C ARG B 25 -2.02 -22.84 12.61
N LYS B 26 -2.00 -21.56 12.20
CA LYS B 26 -0.99 -20.59 12.73
C LYS B 26 -1.02 -20.48 14.26
N TYR B 27 -2.21 -20.53 14.85
CA TYR B 27 -2.32 -20.48 16.32
C TYR B 27 -2.59 -21.87 17.03
N ASN B 28 -2.30 -23.00 16.39
CA ASN B 28 -2.48 -24.34 17.04
C ASN B 28 -3.85 -24.47 17.68
N LEU B 29 -4.86 -24.26 16.86
CA LEU B 29 -6.23 -24.25 17.33
C LEU B 29 -7.03 -25.51 16.92
N LEU B 30 -6.49 -26.33 16.01
CA LEU B 30 -7.13 -27.58 15.60
C LEU B 30 -6.99 -28.72 16.66
N ARG B 31 -8.04 -29.49 16.82
CA ARG B 31 -8.01 -30.65 17.71
C ARG B 31 -8.81 -31.76 17.04
N LYS B 32 -8.54 -33.02 17.42
CA LYS B 32 -9.51 -34.13 17.19
C LYS B 32 -10.88 -33.75 17.75
N ASP B 33 -11.94 -33.97 16.99
CA ASP B 33 -13.27 -33.62 17.44
C ASP B 33 -13.87 -34.91 18.01
N ASP B 34 -13.80 -35.06 19.35
CA ASP B 34 -14.25 -36.30 20.03
C ASP B 34 -15.77 -36.45 20.21
N ALA B 35 -16.56 -35.40 19.93
CA ALA B 35 -18.01 -35.57 19.74
C ALA B 35 -18.30 -36.40 18.46
N LEU B 36 -17.57 -36.11 17.38
CA LEU B 36 -17.57 -36.94 16.16
C LEU B 36 -16.81 -38.25 16.32
N LEU B 37 -15.65 -38.21 16.99
CA LEU B 37 -14.81 -39.41 17.15
C LEU B 37 -15.39 -40.46 18.12
N ASP B 38 -16.41 -40.11 18.90
CA ASP B 38 -17.18 -41.07 19.70
C ASP B 38 -18.62 -41.28 19.20
N ASN B 39 -19.16 -40.31 18.44
CA ASN B 39 -20.50 -40.38 17.83
C ASN B 39 -20.54 -39.79 16.40
N PRO B 40 -19.97 -40.52 15.41
CA PRO B 40 -19.85 -40.00 14.02
C PRO B 40 -21.17 -39.57 13.47
N VAL B 41 -21.19 -38.41 12.82
CA VAL B 41 -22.38 -37.84 12.22
C VAL B 41 -22.23 -37.90 10.71
N PRO B 42 -23.12 -38.65 10.01
CA PRO B 42 -23.06 -38.66 8.56
C PRO B 42 -23.06 -37.25 7.96
N GLY B 43 -22.27 -37.06 6.90
CA GLY B 43 -22.04 -35.75 6.30
C GLY B 43 -21.19 -34.81 7.13
N GLU B 44 -20.32 -35.35 8.00
CA GLU B 44 -19.38 -34.55 8.79
C GLU B 44 -17.95 -35.19 8.93
N GLU B 45 -17.61 -36.14 8.05
CA GLU B 45 -16.32 -36.87 8.18
C GLU B 45 -15.14 -36.02 7.77
N MET B 46 -13.98 -36.47 8.24
CA MET B 46 -12.71 -35.86 7.91
C MET B 46 -12.71 -34.34 8.23
N THR B 47 -13.16 -33.97 9.43
CA THR B 47 -13.10 -32.57 9.88
C THR B 47 -12.52 -32.49 11.27
N ALA B 48 -11.70 -31.48 11.51
CA ALA B 48 -11.15 -31.21 12.85
C ALA B 48 -12.16 -30.54 13.74
N GLY B 49 -11.79 -30.39 15.02
CA GLY B 49 -12.47 -29.48 15.92
C GLY B 49 -11.54 -28.33 16.28
N ILE B 50 -12.07 -27.41 17.07
CA ILE B 50 -11.37 -26.21 17.57
C ILE B 50 -11.14 -26.29 19.07
N ARG B 51 -9.98 -25.81 19.52
CA ARG B 51 -9.64 -25.69 20.93
C ARG B 51 -10.22 -24.37 21.43
N ARG B 52 -11.40 -24.43 22.04
CA ARG B 52 -12.15 -23.20 22.41
C ARG B 52 -11.41 -22.25 23.39
N GLY B 53 -10.81 -22.81 24.44
CA GLY B 53 -9.99 -22.07 25.39
C GLY B 53 -8.89 -21.31 24.71
N ASP B 54 -8.12 -21.97 23.84
CA ASP B 54 -7.04 -21.27 23.19
C ASP B 54 -7.55 -20.22 22.21
N ALA B 55 -8.71 -20.48 21.61
CA ALA B 55 -9.28 -19.53 20.66
C ALA B 55 -9.79 -18.29 21.41
N LYS B 56 -10.28 -18.49 22.63
CA LYS B 56 -10.73 -17.37 23.44
C LYS B 56 -9.56 -16.44 23.73
N ARG B 57 -8.45 -17.01 24.14
CA ARG B 57 -7.21 -16.27 24.31
C ARG B 57 -6.83 -15.48 23.05
N VAL B 58 -6.82 -16.17 21.89
CA VAL B 58 -6.34 -15.57 20.64
C VAL B 58 -7.27 -14.43 20.24
N PHE B 59 -8.57 -14.67 20.27
CA PHE B 59 -9.49 -13.61 19.87
C PHE B 59 -9.44 -12.44 20.84
N THR B 60 -9.29 -12.76 22.14
CA THR B 60 -9.15 -11.74 23.15
C THR B 60 -7.90 -10.90 22.93
N MET B 61 -6.77 -11.51 22.62
CA MET B 61 -5.57 -10.70 22.32
C MET B 61 -5.66 -9.87 21.02
N GLN B 62 -6.59 -10.15 20.11
CA GLN B 62 -6.79 -9.28 18.94
C GLN B 62 -7.47 -7.99 19.28
N LEU B 63 -8.14 -7.92 20.44
CA LEU B 63 -9.01 -6.76 20.81
C LEU B 63 -8.27 -5.45 20.93
N GLY B 64 -7.02 -5.54 21.37
CA GLY B 64 -6.14 -4.38 21.50
C GLY B 64 -6.49 -3.52 22.74
N PRO B 65 -5.96 -2.31 22.80
CA PRO B 65 -6.08 -1.42 23.97
C PRO B 65 -7.46 -0.78 24.15
N TYR B 66 -7.78 -0.44 25.39
CA TYR B 66 -9.03 0.12 25.75
C TYR B 66 -9.00 1.51 25.24
N TRP B 67 -10.14 2.08 24.86
CA TRP B 67 -10.14 3.50 24.51
C TRP B 67 -9.91 4.30 25.84
N ASP B 68 -9.00 5.27 25.81
CA ASP B 68 -8.60 6.10 26.93
C ASP B 68 -8.07 7.50 26.50
N GLY B 69 -8.86 8.13 25.65
CA GLY B 69 -8.62 9.43 25.13
C GLY B 69 -7.94 9.28 23.81
N PHE B 70 -8.36 10.10 22.85
CA PHE B 70 -7.76 10.12 21.51
C PHE B 70 -6.27 10.44 21.47
N GLU B 71 -5.78 11.10 22.50
CA GLU B 71 -4.39 11.51 22.56
C GLU B 71 -3.54 10.26 22.82
N GLU B 72 -4.11 9.25 23.50
CA GLU B 72 -3.45 7.95 23.76
C GLU B 72 -3.52 6.91 22.59
N CYS B 73 -4.28 7.20 21.55
CA CYS B 73 -4.35 6.35 20.36
C CYS B 73 -3.03 6.29 19.63
N SER B 74 -2.85 5.28 18.79
CA SER B 74 -1.73 5.24 17.77
C SER B 74 -1.86 6.47 16.87
N PRO B 75 -0.74 6.92 16.31
CA PRO B 75 -0.78 7.98 15.32
C PRO B 75 -1.75 7.76 14.14
N GLN B 76 -1.72 6.57 13.57
CA GLN B 76 -2.62 6.21 12.45
C GLN B 76 -4.11 6.14 12.85
N ALA B 77 -4.42 5.50 13.97
CA ALA B 77 -5.81 5.47 14.55
C ALA B 77 -6.28 6.90 14.86
N TYR B 78 -5.38 7.67 15.47
CA TYR B 78 -5.63 9.08 15.74
C TYR B 78 -6.03 9.80 14.46
N ALA B 79 -5.13 9.79 13.47
CA ALA B 79 -5.39 10.53 12.24
C ALA B 79 -6.60 10.00 11.46
N LEU B 80 -6.80 8.68 11.41
CA LEU B 80 -8.05 8.18 10.72
C LEU B 80 -9.32 8.52 11.48
N SER B 81 -9.27 8.50 12.81
CA SER B 81 -10.45 8.89 13.65
C SER B 81 -10.79 10.32 13.36
N ALA B 82 -9.77 11.17 13.32
CA ALA B 82 -9.98 12.59 12.94
C ALA B 82 -10.70 12.72 11.60
N VAL B 83 -10.28 11.96 10.58
CA VAL B 83 -11.00 11.99 9.28
C VAL B 83 -12.43 11.60 9.46
N PHE B 84 -12.69 10.49 10.13
CA PHE B 84 -14.08 10.02 10.17
C PHE B 84 -14.92 11.00 11.00
N MET B 85 -14.30 11.58 12.04
CA MET B 85 -14.89 12.70 12.83
C MET B 85 -15.30 13.85 11.92
N ALA B 86 -14.33 14.28 11.12
CA ALA B 86 -14.56 15.40 10.23
C ALA B 86 -15.73 15.05 9.33
N ARG B 87 -15.76 13.82 8.79
CA ARG B 87 -16.91 13.40 7.99
C ARG B 87 -18.20 13.31 8.75
N MET B 88 -18.18 12.71 9.94
CA MET B 88 -19.39 12.73 10.79
C MET B 88 -19.94 14.13 10.95
N ASN B 89 -19.03 15.09 11.17
CA ASN B 89 -19.42 16.51 11.29
C ASN B 89 -19.56 17.29 9.94
N ARG B 90 -19.42 16.58 8.81
CA ARG B 90 -19.78 17.06 7.46
C ARG B 90 -18.80 18.10 6.96
N ASP B 91 -17.53 17.84 7.22
CA ASP B 91 -16.44 18.72 6.90
C ASP B 91 -15.45 17.88 6.07
N ARG B 92 -15.72 17.81 4.78
CA ARG B 92 -14.95 16.99 3.84
C ARG B 92 -13.54 17.53 3.57
N ASP B 93 -13.38 18.86 3.60
CA ASP B 93 -12.07 19.43 3.23
C ASP B 93 -11.03 19.24 4.32
N ALA B 94 -11.49 19.19 5.58
CA ALA B 94 -10.67 18.76 6.71
C ALA B 94 -10.33 17.28 6.57
N ALA B 95 -11.34 16.50 6.19
CA ALA B 95 -11.21 15.05 5.96
C ALA B 95 -10.23 14.77 4.82
N ASN B 96 -10.53 15.30 3.65
CA ASN B 96 -9.68 15.13 2.45
C ASN B 96 -8.27 15.67 2.61
N ASN B 97 -8.14 16.84 3.23
CA ASN B 97 -6.83 17.41 3.45
C ASN B 97 -5.92 16.46 4.19
N ILE B 98 -6.45 15.84 5.25
CA ILE B 98 -5.65 14.82 6.00
C ILE B 98 -5.32 13.66 5.06
N LEU B 99 -6.33 13.19 4.33
CA LEU B 99 -6.16 12.07 3.35
C LEU B 99 -4.98 12.36 2.33
N LYS B 100 -4.98 13.56 1.75
CA LYS B 100 -3.95 13.96 0.76
C LYS B 100 -2.53 14.07 1.36
N VAL B 101 -2.41 14.62 2.56
CA VAL B 101 -1.08 14.82 3.17
C VAL B 101 -0.38 13.49 3.52
N LEU B 102 -1.23 12.56 3.99
CA LEU B 102 -0.81 11.24 4.34
C LEU B 102 -0.49 10.50 3.04
N ASP B 103 -1.32 10.71 2.02
CA ASP B 103 -1.02 10.20 0.65
C ASP B 103 0.32 10.64 0.09
N LYS B 104 0.58 11.95 0.13
CA LYS B 104 1.85 12.52 -0.39
C LYS B 104 3.03 12.03 0.44
N THR B 105 2.88 11.96 1.75
CA THR B 105 4.00 11.60 2.58
C THR B 105 4.19 10.09 2.63
N PHE B 106 3.17 9.37 2.19
CA PHE B 106 3.32 7.95 1.88
C PHE B 106 4.18 7.73 0.66
N VAL B 107 4.03 8.58 -0.37
CA VAL B 107 4.96 8.52 -1.53
C VAL B 107 6.41 8.72 -1.06
N ASP B 108 6.58 9.72 -0.19
CA ASP B 108 7.87 10.10 0.37
C ASP B 108 8.18 9.07 1.49
N GLY B 109 9.15 9.33 2.35
CA GLY B 109 9.58 8.32 3.31
C GLY B 109 8.59 7.90 4.41
N LYS B 110 8.18 8.87 5.24
CA LYS B 110 7.24 8.65 6.35
CA LYS B 110 7.30 8.67 6.41
C LYS B 110 6.29 9.84 6.55
N PRO B 111 5.02 9.55 6.99
CA PRO B 111 4.11 10.67 7.12
C PRO B 111 4.05 11.18 8.56
N ASP B 112 3.67 12.46 8.69
CA ASP B 112 3.24 13.01 9.93
C ASP B 112 1.73 12.87 9.86
N PHE B 113 1.28 12.11 10.83
CA PHE B 113 -0.11 12.05 11.20
C PHE B 113 -0.54 13.32 11.95
N SER B 114 0.42 14.11 12.42
CA SER B 114 0.17 15.38 13.13
C SER B 114 -0.69 16.34 12.34
N VAL B 115 -0.71 16.24 11.03
CA VAL B 115 -1.72 16.98 10.25
C VAL B 115 -3.19 16.87 10.75
N ALA B 116 -3.50 15.81 11.50
CA ALA B 116 -4.89 15.55 11.97
C ALA B 116 -5.24 16.28 13.29
N ARG B 117 -4.21 16.63 14.07
CA ARG B 117 -4.37 17.30 15.37
C ARG B 117 -5.35 18.46 15.35
N PRO B 118 -5.26 19.37 14.38
CA PRO B 118 -6.27 20.45 14.43
C PRO B 118 -7.71 19.94 14.30
N VAL B 119 -7.91 18.88 13.53
CA VAL B 119 -9.26 18.37 13.26
C VAL B 119 -9.82 17.58 14.48
N MET B 120 -8.94 16.80 15.12
CA MET B 120 -9.20 16.14 16.40
C MET B 120 -9.69 17.13 17.44
N LYS B 121 -8.92 18.22 17.57
CA LYS B 121 -9.17 19.28 18.55
C LYS B 121 -10.55 19.89 18.32
N LYS B 122 -10.88 20.12 17.08
CA LYS B 122 -12.17 20.72 16.70
C LYS B 122 -13.40 19.82 16.84
N TYR B 123 -13.25 18.50 16.68
CA TYR B 123 -14.44 17.59 16.63
C TYR B 123 -14.55 16.51 17.71
N GLN B 124 -13.49 16.29 18.49
CA GLN B 124 -13.48 15.17 19.45
C GLN B 124 -14.60 15.30 20.48
N ASN B 125 -14.85 16.51 20.98
CA ASN B 125 -15.97 16.74 21.95
C ASN B 125 -17.31 17.03 21.29
N SER B 126 -17.44 16.76 19.99
CA SER B 126 -18.68 16.99 19.24
C SER B 126 -19.71 15.92 19.61
N GLU B 127 -20.98 16.23 19.38
CA GLU B 127 -22.08 15.43 19.92
C GLU B 127 -22.04 14.00 19.41
N LEU B 128 -21.79 13.87 18.10
CA LEU B 128 -21.81 12.59 17.43
C LEU B 128 -20.61 11.72 17.80
N VAL B 129 -19.45 12.35 17.99
CA VAL B 129 -18.25 11.62 18.41
C VAL B 129 -18.39 11.11 19.87
N GLN B 130 -18.98 11.93 20.71
CA GLN B 130 -19.24 11.63 22.11
C GLN B 130 -20.26 10.52 22.27
N GLU B 131 -21.23 10.47 21.37
CA GLU B 131 -22.11 9.33 21.34
C GLU B 131 -21.33 8.01 21.06
N VAL B 132 -20.44 8.01 20.08
CA VAL B 132 -19.71 6.80 19.72
C VAL B 132 -18.79 6.32 20.86
N VAL B 133 -18.01 7.23 21.40
CA VAL B 133 -17.04 6.94 22.46
C VAL B 133 -17.76 6.44 23.71
N ALA B 134 -18.91 7.01 24.03
CA ALA B 134 -19.77 6.55 25.13
C ALA B 134 -20.06 5.04 25.06
N LYS B 135 -20.26 4.55 23.84
CA LYS B 135 -20.90 3.30 23.56
C LYS B 135 -19.94 2.15 23.22
N HIS B 136 -18.63 2.43 23.24
CA HIS B 136 -17.62 1.43 22.90
C HIS B 136 -16.37 1.59 23.73
N ALA B 137 -15.76 0.46 24.10
CA ALA B 137 -14.72 0.47 25.10
C ALA B 137 -13.30 0.24 24.59
N TYR B 138 -13.16 -0.19 23.34
CA TYR B 138 -11.85 -0.45 22.79
C TYR B 138 -11.58 0.52 21.70
N VAL B 139 -10.30 0.80 21.49
CA VAL B 139 -9.88 1.65 20.34
C VAL B 139 -10.45 1.15 19.03
N LEU B 140 -10.28 -0.14 18.78
CA LEU B 140 -10.81 -0.79 17.57
C LEU B 140 -12.31 -0.66 17.34
N THR B 141 -13.09 -0.74 18.42
CA THR B 141 -14.54 -0.71 18.31
C THR B 141 -15.08 0.71 18.24
N VAL B 142 -14.39 1.65 18.87
CA VAL B 142 -14.65 3.07 18.69
C VAL B 142 -14.43 3.44 17.23
N ILE B 143 -13.27 3.09 16.70
CA ILE B 143 -12.97 3.59 15.36
C ILE B 143 -13.84 2.92 14.30
N ALA B 144 -14.16 1.65 14.48
CA ALA B 144 -15.14 0.98 13.59
C ALA B 144 -16.46 1.73 13.53
N SER B 145 -16.99 2.06 14.67
CA SER B 145 -18.23 2.85 14.73
C SER B 145 -18.05 4.27 14.18
N LEU B 146 -16.88 4.84 14.34
CA LEU B 146 -16.59 6.15 13.75
C LEU B 146 -16.63 6.05 12.22
N LEU B 147 -16.02 5.00 11.65
CA LEU B 147 -16.14 4.75 10.19
C LEU B 147 -17.59 4.57 9.70
N GLU B 148 -18.34 3.76 10.40
CA GLU B 148 -19.73 3.52 10.06
C GLU B 148 -20.57 4.83 10.08
N ALA B 149 -20.29 5.72 11.02
CA ALA B 149 -21.02 6.99 11.06
C ALA B 149 -20.53 7.95 9.97
N ALA B 150 -19.24 7.94 9.65
CA ALA B 150 -18.69 8.78 8.57
C ALA B 150 -19.26 8.42 7.21
N ARG B 151 -19.63 7.14 7.01
CA ARG B 151 -20.33 6.73 5.79
C ARG B 151 -21.82 7.13 5.76
N GLU B 152 -22.33 7.84 6.76
CA GLU B 152 -23.62 8.59 6.62
C GLU B 152 -23.46 9.80 5.67
N ASP B 153 -22.34 10.50 5.85
CA ASP B 153 -21.92 11.59 4.96
C ASP B 153 -21.83 11.18 3.48
N GLY B 154 -21.20 10.04 3.21
CA GLY B 154 -21.14 9.51 1.86
C GLY B 154 -20.19 8.33 1.69
N VAL B 155 -19.32 8.44 0.69
CA VAL B 155 -18.35 7.41 0.33
C VAL B 155 -17.07 7.64 1.13
N VAL B 156 -16.63 6.62 1.86
CA VAL B 156 -15.31 6.57 2.52
C VAL B 156 -14.71 5.14 2.40
N PRO B 157 -14.27 4.71 1.20
CA PRO B 157 -13.66 3.37 1.09
C PRO B 157 -12.29 3.26 1.77
N SER B 158 -11.94 2.04 2.14
CA SER B 158 -10.62 1.78 2.64
C SER B 158 -9.53 2.05 1.58
N SER B 159 -9.90 2.04 0.29
CA SER B 159 -9.09 2.60 -0.81
C SER B 159 -8.28 3.78 -0.33
N GLU B 160 -8.99 4.83 0.09
CA GLU B 160 -8.42 6.11 0.47
C GLU B 160 -7.41 6.10 1.60
N PHE B 161 -7.18 4.96 2.24
CA PHE B 161 -6.10 4.84 3.20
C PHE B 161 -5.38 3.54 3.08
N LEU B 162 -5.16 3.19 1.82
CA LEU B 162 -4.42 2.00 1.42
C LEU B 162 -3.10 1.87 2.10
N TRP B 163 -2.46 3.02 2.30
CA TRP B 163 -1.19 3.13 3.10
C TRP B 163 -1.21 2.46 4.47
N LEU B 164 -2.42 2.25 5.01
CA LEU B 164 -2.53 1.69 6.37
C LEU B 164 -2.08 0.28 6.54
N LYS B 165 -2.25 -0.55 5.51
CA LYS B 165 -1.93 -1.98 5.65
C LYS B 165 -0.52 -2.31 6.15
N PRO B 166 0.54 -1.66 5.63
CA PRO B 166 1.90 -1.93 6.19
C PRO B 166 2.17 -1.32 7.58
N VAL B 167 1.53 -0.18 7.87
CA VAL B 167 1.64 0.50 9.19
C VAL B 167 1.02 -0.35 10.27
N ASP B 168 -0.23 -0.74 10.02
CA ASP B 168 -1.06 -1.38 11.04
C ASP B 168 -2.04 -2.37 10.38
N ARG B 169 -1.61 -3.62 10.36
CA ARG B 169 -2.30 -4.73 9.69
C ARG B 169 -3.69 -4.94 10.33
N ARG B 170 -3.71 -4.97 11.65
CA ARG B 170 -4.92 -5.14 12.43
C ARG B 170 -5.92 -4.04 12.19
N LEU B 171 -5.45 -2.77 12.25
CA LEU B 171 -6.33 -1.65 12.03
C LEU B 171 -6.88 -1.64 10.58
N TRP B 172 -6.00 -1.89 9.62
CA TRP B 172 -6.42 -2.03 8.25
C TRP B 172 -7.51 -3.09 8.12
N TYR B 173 -7.29 -4.30 8.63
CA TYR B 173 -8.37 -5.32 8.55
C TYR B 173 -9.67 -5.00 9.28
N MET B 174 -9.58 -4.41 10.48
CA MET B 174 -10.76 -3.96 11.17
C MET B 174 -11.55 -3.00 10.32
N LEU B 175 -10.88 -1.98 9.76
CA LEU B 175 -11.59 -0.99 9.02
C LEU B 175 -12.11 -1.54 7.69
N ASN B 176 -11.35 -2.43 7.06
CA ASN B 176 -11.90 -3.09 5.84
C ASN B 176 -13.12 -3.95 6.00
N CYS B 177 -13.30 -4.53 7.18
CA CYS B 177 -14.49 -5.34 7.47
C CYS B 177 -15.70 -4.58 7.91
N VAL B 178 -15.56 -3.27 8.22
CA VAL B 178 -16.73 -2.47 8.46
C VAL B 178 -17.65 -2.48 7.21
N GLY B 179 -18.89 -2.91 7.36
CA GLY B 179 -19.76 -3.07 6.22
C GLY B 179 -19.79 -4.48 5.68
N ARG B 180 -18.76 -5.29 5.93
CA ARG B 180 -18.81 -6.73 5.60
C ARG B 180 -19.69 -7.38 6.64
N GLN B 181 -20.26 -8.52 6.29
CA GLN B 181 -21.01 -9.35 7.26
C GLN B 181 -20.13 -10.35 7.95
N THR B 182 -19.07 -10.81 7.27
CA THR B 182 -18.11 -11.78 7.79
C THR B 182 -16.69 -11.13 7.82
N PRO B 183 -16.03 -11.12 8.98
CA PRO B 183 -14.69 -10.48 9.03
C PRO B 183 -13.57 -11.45 8.76
N TYR B 184 -12.39 -10.95 8.43
CA TYR B 184 -11.19 -11.77 8.44
C TYR B 184 -10.94 -12.34 9.84
N SER B 185 -10.43 -13.56 9.89
CA SER B 185 -10.14 -14.25 11.15
C SER B 185 -9.19 -13.43 12.08
N GLU B 186 -8.27 -12.69 11.48
CA GLU B 186 -7.32 -11.84 12.22
C GLU B 186 -7.93 -10.64 12.93
N VAL B 187 -9.15 -10.25 12.54
CA VAL B 187 -9.89 -9.26 13.28
C VAL B 187 -11.24 -9.78 13.77
N ALA B 188 -11.37 -11.09 13.89
CA ALA B 188 -12.66 -11.60 14.18
C ALA B 188 -13.05 -11.25 15.65
N GLY B 189 -12.07 -11.17 16.55
CA GLY B 189 -12.29 -10.79 17.97
C GLY B 189 -12.93 -9.41 18.10
N PRO B 190 -12.24 -8.33 17.67
CA PRO B 190 -12.80 -7.00 17.80
C PRO B 190 -14.06 -6.80 17.01
N PHE B 191 -14.18 -7.43 15.83
CA PHE B 191 -15.43 -7.36 15.09
C PHE B 191 -16.61 -7.96 15.90
N ALA B 192 -16.43 -9.16 16.45
CA ALA B 192 -17.47 -9.80 17.35
C ALA B 192 -17.83 -8.93 18.56
N HIS B 193 -16.80 -8.44 19.22
CA HIS B 193 -16.94 -7.47 20.30
C HIS B 193 -17.64 -6.17 19.96
N TRP B 194 -17.26 -5.56 18.83
CA TRP B 194 -17.96 -4.39 18.28
C TRP B 194 -19.48 -4.65 18.12
N LYS B 195 -19.80 -5.78 17.50
CA LYS B 195 -21.18 -6.16 17.32
C LYS B 195 -21.92 -6.37 18.63
N ALA B 196 -21.29 -7.08 19.56
CA ALA B 196 -21.83 -7.32 20.92
C ALA B 196 -22.11 -5.99 21.60
N GLU B 197 -21.15 -5.07 21.58
CA GLU B 197 -21.41 -3.74 22.12
C GLU B 197 -22.63 -3.10 21.52
N LYS B 198 -22.76 -3.22 20.22
CA LYS B 198 -23.87 -2.62 19.51
C LYS B 198 -25.21 -3.28 19.89
N GLU B 199 -25.20 -4.59 20.07
CA GLU B 199 -26.37 -5.33 20.43
C GLU B 199 -26.79 -5.05 21.91
N MET B 200 -25.80 -4.94 22.79
CA MET B 200 -26.02 -4.67 24.20
C MET B 200 -26.40 -3.22 24.43
N GLY B 201 -26.13 -2.34 23.50
CA GLY B 201 -26.53 -0.95 23.72
C GLY B 201 -25.63 -0.25 24.73
N ARG B 202 -24.51 -0.87 25.10
CA ARG B 202 -23.44 -0.19 25.89
C ARG B 202 -22.03 -0.69 25.55
N ARG B 203 -21.04 0.06 26.03
CA ARG B 203 -19.69 -0.39 25.99
C ARG B 203 -19.52 -1.62 26.91
N SER B 204 -18.59 -2.52 26.57
CA SER B 204 -18.22 -3.63 27.46
C SER B 204 -16.74 -3.75 27.56
N LEU B 205 -16.21 -3.75 28.78
CA LEU B 205 -14.76 -3.97 28.99
C LEU B 205 -14.49 -5.47 29.04
N VAL B 206 -15.45 -6.23 29.53
CA VAL B 206 -15.35 -7.68 29.46
C VAL B 206 -15.39 -8.05 27.96
N PRO B 207 -14.35 -8.73 27.46
CA PRO B 207 -14.28 -9.29 26.07
C PRO B 207 -15.53 -10.07 25.71
N MET B 208 -16.18 -9.78 24.59
CA MET B 208 -17.40 -10.46 24.23
C MET B 208 -17.11 -11.10 22.85
N ILE B 209 -16.31 -12.15 22.85
CA ILE B 209 -15.74 -12.65 21.57
C ILE B 209 -16.24 -14.03 21.16
N ASP B 210 -17.22 -14.57 21.90
CA ASP B 210 -17.77 -15.89 21.61
C ASP B 210 -18.25 -16.15 20.15
N GLU B 211 -18.83 -15.14 19.51
CA GLU B 211 -19.28 -15.22 18.12
C GLU B 211 -18.10 -15.49 17.20
N ALA B 212 -16.89 -14.98 17.52
CA ALA B 212 -15.68 -15.32 16.75
C ALA B 212 -15.35 -16.79 16.85
N ILE B 213 -15.53 -17.36 18.02
CA ILE B 213 -15.22 -18.78 18.23
C ILE B 213 -16.22 -19.67 17.48
N ARG B 214 -17.50 -19.40 17.63
CA ARG B 214 -18.56 -20.14 16.91
C ARG B 214 -18.32 -20.10 15.41
N ALA B 215 -18.03 -18.92 14.84
CA ALA B 215 -17.75 -18.79 13.41
C ALA B 215 -16.49 -19.53 12.95
N LEU B 216 -15.46 -19.53 13.79
CA LEU B 216 -14.24 -20.25 13.46
C LEU B 216 -14.50 -21.73 13.46
N GLU B 217 -15.19 -22.23 14.47
CA GLU B 217 -15.62 -23.65 14.49
C GLU B 217 -16.31 -24.11 13.20
N ILE B 218 -17.30 -23.32 12.79
CA ILE B 218 -18.12 -23.58 11.62
C ILE B 218 -17.24 -23.58 10.36
N ALA B 219 -16.46 -22.52 10.17
CA ALA B 219 -15.58 -22.42 9.02
C ALA B 219 -14.59 -23.59 8.96
N VAL B 220 -14.03 -23.97 10.10
CA VAL B 220 -13.16 -25.16 10.17
C VAL B 220 -13.89 -26.47 9.84
N LYS B 221 -15.14 -26.60 10.24
CA LYS B 221 -15.95 -27.77 9.88
C LYS B 221 -16.24 -27.93 8.38
N GLU B 222 -16.10 -26.88 7.59
CA GLU B 222 -16.44 -26.94 6.18
C GLU B 222 -15.25 -27.48 5.32
N VAL B 223 -14.11 -27.77 5.95
CA VAL B 223 -12.90 -28.10 5.22
C VAL B 223 -12.51 -29.53 5.55
N ARG B 224 -12.50 -30.43 4.55
CA ARG B 224 -12.05 -31.82 4.73
C ARG B 224 -10.55 -31.89 4.88
N LEU B 225 -10.07 -32.63 5.87
CA LEU B 225 -8.65 -32.97 5.93
C LEU B 225 -8.38 -34.27 5.18
N THR B 226 -7.10 -34.52 4.89
CA THR B 226 -6.63 -35.80 4.42
C THR B 226 -6.48 -36.70 5.65
N PRO B 227 -6.42 -38.03 5.46
CA PRO B 227 -6.06 -38.95 6.55
C PRO B 227 -4.76 -38.61 7.24
N ARG B 228 -3.71 -38.24 6.51
CA ARG B 228 -2.46 -37.87 7.19
C ARG B 228 -2.81 -36.76 8.17
N GLN B 229 -3.53 -35.75 7.69
CA GLN B 229 -3.93 -34.62 8.52
C GLN B 229 -4.83 -35.05 9.70
N MET B 230 -5.69 -36.04 9.51
CA MET B 230 -6.55 -36.46 10.62
C MET B 230 -5.76 -37.09 11.75
N GLU B 231 -4.75 -37.91 11.37
CA GLU B 231 -3.92 -38.61 12.35
C GLU B 231 -3.04 -37.63 13.02
N GLU B 232 -2.58 -36.60 12.30
CA GLU B 232 -1.77 -35.51 12.86
C GLU B 232 -2.42 -34.70 13.98
N LEU B 233 -3.75 -34.74 14.12
CA LEU B 233 -4.46 -33.99 15.16
C LEU B 233 -4.27 -34.63 16.56
N GLU B 234 -4.18 -33.76 17.57
CA GLU B 234 -3.84 -34.14 18.94
C GLU B 234 -5.01 -33.86 19.86
C1 GOL C . -1.20 14.87 -11.46
O1 GOL C . -2.49 15.14 -11.93
C2 GOL C . -1.04 15.70 -10.28
O2 GOL C . -1.10 16.91 -11.00
C3 GOL C . 0.29 15.30 -9.63
O3 GOL C . 1.10 16.47 -9.41
O1 MES D . 4.12 9.91 14.36
C2 MES D . 3.87 10.93 13.39
C3 MES D . 2.89 11.98 13.95
N4 MES D . 2.31 11.57 15.23
C5 MES D . 3.41 11.39 16.21
C6 MES D . 4.45 10.38 15.68
C7 MES D . 1.28 12.56 15.67
C8 MES D . -0.13 11.97 15.78
S MES D . -0.59 11.62 17.35
O1S MES D . -1.54 10.49 17.46
O2S MES D . 0.59 11.20 18.16
O3S MES D . -1.25 12.82 17.92
C1 GOL E . -11.15 -27.55 24.00
O1 GOL E . -12.43 -27.23 23.35
C2 GOL E . -10.67 -26.27 24.76
O2 GOL E . -11.52 -25.99 25.90
C3 GOL E . -9.24 -26.32 25.26
O3 GOL E . -8.56 -25.13 24.88
C1 GOL F . 4.68 -0.16 -0.19
O1 GOL F . 3.71 0.73 0.39
C2 GOL F . 5.87 -0.18 0.65
O2 GOL F . 5.27 0.28 1.66
C3 GOL F . 6.29 -1.13 1.70
O3 GOL F . 7.41 -0.36 2.15
C1 GOL G . -17.31 3.24 0.08
O1 GOL G . -16.67 2.02 -0.34
C2 GOL G . -17.71 3.19 1.55
O2 GOL G . -17.98 1.84 1.83
C3 GOL G . -18.93 4.05 1.77
O3 GOL G . -20.18 3.34 1.71
C1 GOL H . -4.78 0.81 16.31
O1 GOL H . -3.60 1.24 15.50
C2 GOL H . -4.38 -0.06 17.47
O2 GOL H . -5.51 -0.10 17.98
C3 GOL H . -4.10 -1.56 17.29
O3 GOL H . -3.95 -2.11 15.93
#